data_5N3L
#
_entry.id   5N3L
#
_cell.length_a   52.070
_cell.length_b   71.190
_cell.length_c   97.172
_cell.angle_alpha   90.00
_cell.angle_beta   90.00
_cell.angle_gamma   90.00
#
_symmetry.space_group_name_H-M   'P 21 21 21'
#
loop_
_entity.id
_entity.type
_entity.pdbx_description
1 polymer 'cAMP-dependent protein kinase catalytic subunit alpha'
2 non-polymer (4S)-2-METHYL-2,4-PENTANEDIOL
3 non-polymer Noradrenaline
4 non-polymer 'DIMETHYL SULFOXIDE'
5 water water
#
_entity_poly.entity_id   1
_entity_poly.type   'polypeptide(L)'
_entity_poly.pdbx_seq_one_letter_code
;GHMGNAAAAKKG(SEP)EQESVKEFLAKAKEEFLKKWESPSQNTAQLDHFDRIKTLGTGSFGRVMLVKHKETGNHYAMKI
LDKQKVVKLKQIEHTLNEKRILQAVNFPFLVKLEFSFKDNSNLYMVMEYVPGGEMFSHLRRIGRF(SEP)EPHARFYAAQ
IVLTFEYLHSLDLIYRDLKPENLLIDQQGYIQVTDFGFAKRVKGRTW(TPO)LCGTPEYLAPEIILSKGYNKAVDWWALG
VLIYEMAAGYPPFFADQPIQIYEKIVSGKVRFPSHFSSDLKDLLRNLLQVDLTKRFGNLKNGVNDIKNHKWFATTDWIAI
YQRKVEAPFIPKFKGPGDTSNFDDYEEEEIRV(SEP)INEKCGKEFTEF
;
_entity_poly.pdbx_strand_id   A
#
loop_
_chem_comp.id
_chem_comp.type
_chem_comp.name
_chem_comp.formula
DMS non-polymer 'DIMETHYL SULFOXIDE' 'C2 H6 O S'
E5E non-polymer Noradrenaline 'C8 H12 N O3 1'
MPD non-polymer (4S)-2-METHYL-2,4-PENTANEDIOL 'C6 H14 O2'
#
# COMPACT_ATOMS: atom_id res chain seq x y z
N GLU A 14 16.30 -2.22 -20.96
CA GLU A 14 16.65 -1.99 -19.56
C GLU A 14 18.13 -1.63 -19.43
N GLN A 15 18.42 -0.40 -19.01
CA GLN A 15 19.81 -0.02 -18.80
C GLN A 15 20.42 -0.92 -17.74
N GLU A 16 21.66 -1.32 -17.96
CA GLU A 16 22.34 -2.16 -16.99
C GLU A 16 22.27 -1.54 -15.61
N SER A 17 22.17 -0.23 -15.53
CA SER A 17 22.05 0.41 -14.22
C SER A 17 20.80 -0.04 -13.48
N VAL A 18 19.68 -0.21 -14.21
CA VAL A 18 18.44 -0.69 -13.58
C VAL A 18 18.57 -2.16 -13.22
N LYS A 19 19.11 -2.96 -14.14
N LYS A 19 19.14 -2.95 -14.13
CA LYS A 19 19.34 -4.38 -13.85
CA LYS A 19 19.33 -4.37 -13.86
C LYS A 19 20.15 -4.53 -12.57
C LYS A 19 20.19 -4.59 -12.62
N GLU A 20 21.28 -3.83 -12.47
CA GLU A 20 22.14 -4.01 -11.31
C GLU A 20 21.48 -3.50 -10.04
N PHE A 21 20.71 -2.40 -10.13
CA PHE A 21 19.96 -1.94 -8.97
C PHE A 21 19.01 -3.04 -8.49
N LEU A 22 18.21 -3.62 -9.41
CA LEU A 22 17.23 -4.63 -9.01
C LEU A 22 17.89 -5.93 -8.54
N ALA A 23 19.08 -6.26 -9.07
CA ALA A 23 19.76 -7.47 -8.62
C ALA A 23 20.22 -7.29 -7.17
N LYS A 24 20.77 -6.13 -6.85
CA LYS A 24 21.17 -5.87 -5.48
C LYS A 24 19.96 -5.79 -4.57
N ALA A 25 18.87 -5.18 -5.06
CA ALA A 25 17.66 -5.12 -4.25
C ALA A 25 17.18 -6.52 -3.88
N LYS A 26 17.21 -7.44 -4.84
CA LYS A 26 16.74 -8.79 -4.58
C LYS A 26 17.66 -9.53 -3.61
N GLU A 27 18.98 -9.39 -3.77
CA GLU A 27 19.94 -9.97 -2.84
C GLU A 27 19.68 -9.51 -1.41
N GLU A 28 19.48 -8.22 -1.23
CA GLU A 28 19.25 -7.70 0.12
C GLU A 28 17.94 -8.19 0.70
N PHE A 29 16.88 -8.19 -0.12
CA PHE A 29 15.60 -8.72 0.31
C PHE A 29 15.71 -10.18 0.72
N LEU A 30 16.35 -11.00 -0.11
CA LEU A 30 16.42 -12.43 0.19
C LEU A 30 17.14 -12.70 1.49
N LYS A 31 18.21 -11.97 1.78
CA LYS A 31 18.92 -12.22 3.03
C LYS A 31 18.00 -12.00 4.24
N LYS A 32 17.23 -10.92 4.25
CA LYS A 32 16.29 -10.68 5.35
C LYS A 32 15.11 -11.63 5.32
N TRP A 33 14.64 -11.96 4.11
CA TRP A 33 13.53 -12.91 3.95
C TRP A 33 13.86 -14.26 4.58
N GLU A 34 15.10 -14.72 4.39
N GLU A 34 15.09 -14.73 4.36
CA GLU A 34 15.46 -16.06 4.85
CA GLU A 34 15.46 -16.05 4.85
C GLU A 34 15.87 -16.08 6.31
C GLU A 34 15.66 -16.04 6.35
N SER A 35 16.10 -14.92 6.92
CA SER A 35 16.40 -14.83 8.36
C SER A 35 15.68 -13.66 8.99
N PRO A 36 14.36 -13.77 9.20
CA PRO A 36 13.58 -12.59 9.62
C PRO A 36 13.89 -12.16 11.04
N SER A 37 13.78 -10.85 11.27
CA SER A 37 13.92 -10.33 12.62
C SER A 37 12.66 -10.65 13.41
N GLN A 38 12.82 -10.76 14.71
CA GLN A 38 11.71 -11.11 15.60
C GLN A 38 11.93 -10.44 16.94
N ASN A 39 10.82 -10.05 17.58
CA ASN A 39 10.85 -9.70 19.00
C ASN A 39 11.85 -8.58 19.29
N THR A 40 11.66 -7.45 18.62
CA THR A 40 12.65 -6.37 18.67
C THR A 40 12.22 -5.19 19.54
N ALA A 41 11.06 -5.25 20.18
CA ALA A 41 10.66 -4.29 21.21
C ALA A 41 9.61 -4.95 22.08
N GLN A 42 8.98 -4.16 22.96
CA GLN A 42 7.84 -4.65 23.73
C GLN A 42 6.89 -3.48 24.00
N LEU A 43 5.67 -3.81 24.39
CA LEU A 43 4.61 -2.81 24.43
C LEU A 43 4.91 -1.70 25.41
N ASP A 44 5.46 -2.03 26.57
CA ASP A 44 5.68 -1.01 27.60
C ASP A 44 6.90 -0.12 27.31
N HIS A 45 7.51 -0.25 26.11
CA HIS A 45 8.47 0.75 25.67
C HIS A 45 7.79 1.98 25.06
N PHE A 46 6.46 1.96 24.93
CA PHE A 46 5.72 2.98 24.20
C PHE A 46 4.59 3.54 25.06
N ASP A 47 4.29 4.82 24.82
CA ASP A 47 3.08 5.49 25.27
C ASP A 47 2.08 5.55 24.11
N ARG A 48 0.82 5.32 24.41
CA ARG A 48 -0.26 5.40 23.44
C ARG A 48 -0.76 6.84 23.33
N ILE A 49 -0.94 7.30 22.10
N ILE A 49 -0.99 7.30 22.09
CA ILE A 49 -1.43 8.66 21.82
CA ILE A 49 -1.44 8.67 21.84
C ILE A 49 -2.86 8.67 21.24
C ILE A 49 -2.83 8.72 21.21
N LYS A 50 -3.07 8.05 20.06
N LYS A 50 -3.09 7.91 20.19
CA LYS A 50 -4.33 8.20 19.34
CA LYS A 50 -4.32 8.09 19.43
C LYS A 50 -4.53 7.05 18.37
C LYS A 50 -4.52 6.91 18.50
N THR A 51 -5.77 6.58 18.23
CA THR A 51 -6.11 5.58 17.21
C THR A 51 -6.22 6.27 15.86
N LEU A 52 -5.43 5.80 14.88
CA LEU A 52 -5.40 6.37 13.53
C LEU A 52 -6.26 5.61 12.53
N GLY A 53 -6.63 4.36 12.82
CA GLY A 53 -7.45 3.56 11.92
C GLY A 53 -7.84 2.29 12.62
N THR A 54 -8.92 1.66 12.15
CA THR A 54 -9.43 0.50 12.83
C THR A 54 -10.16 -0.39 11.84
N GLY A 55 -10.13 -1.70 12.10
CA GLY A 55 -10.77 -2.69 11.24
C GLY A 55 -11.24 -3.91 12.00
N SER A 56 -11.60 -4.96 11.26
N SER A 56 -11.62 -4.96 11.27
CA SER A 56 -12.26 -6.11 11.85
CA SER A 56 -12.27 -6.11 11.90
C SER A 56 -11.32 -6.87 12.79
C SER A 56 -11.33 -6.99 12.71
N PHE A 57 -10.01 -6.88 12.53
CA PHE A 57 -9.08 -7.65 13.35
C PHE A 57 -7.90 -6.84 13.86
N GLY A 58 -7.84 -5.55 13.58
CA GLY A 58 -6.67 -4.78 13.98
C GLY A 58 -6.98 -3.31 14.03
N ARG A 59 -5.96 -2.56 14.46
CA ARG A 59 -5.99 -1.11 14.60
C ARG A 59 -4.61 -0.59 14.29
N VAL A 60 -4.51 0.69 13.93
CA VAL A 60 -3.23 1.38 13.87
C VAL A 60 -3.30 2.51 14.88
N MET A 61 -2.31 2.55 15.78
N MET A 61 -2.29 2.59 15.75
CA MET A 61 -2.22 3.54 16.84
CA MET A 61 -2.26 3.55 16.84
C MET A 61 -0.98 4.39 16.65
C MET A 61 -0.98 4.37 16.82
N LEU A 62 -1.11 5.69 16.91
CA LEU A 62 0.05 6.53 17.12
C LEU A 62 0.58 6.28 18.52
N VAL A 63 1.88 5.98 18.61
CA VAL A 63 2.57 5.76 19.87
C VAL A 63 3.84 6.60 19.88
N LYS A 64 4.40 6.79 21.08
CA LYS A 64 5.66 7.48 21.27
C LYS A 64 6.58 6.59 22.08
N HIS A 65 7.80 6.41 21.60
CA HIS A 65 8.77 5.61 22.32
C HIS A 65 9.27 6.39 23.51
N LYS A 66 9.21 5.79 24.69
CA LYS A 66 9.43 6.53 25.93
C LYS A 66 10.87 6.96 26.16
N GLU A 67 11.83 6.29 25.54
CA GLU A 67 13.24 6.62 25.72
C GLU A 67 13.77 7.53 24.64
N THR A 68 13.39 7.31 23.37
CA THR A 68 13.90 8.17 22.32
C THR A 68 13.00 9.36 22.01
N GLY A 69 11.72 9.26 22.34
CA GLY A 69 10.76 10.28 21.99
C GLY A 69 10.25 10.19 20.58
N ASN A 70 10.65 9.17 19.82
CA ASN A 70 10.20 9.05 18.43
C ASN A 70 8.77 8.57 18.38
N HIS A 71 8.02 9.10 17.42
CA HIS A 71 6.66 8.67 17.14
C HIS A 71 6.67 7.54 16.12
N TYR A 72 5.72 6.62 16.28
CA TYR A 72 5.52 5.50 15.37
C TYR A 72 4.04 5.22 15.23
N ALA A 73 3.72 4.53 14.12
CA ALA A 73 2.39 3.97 13.90
C ALA A 73 2.44 2.48 14.24
N MET A 74 1.75 2.09 15.29
CA MET A 74 1.80 0.73 15.77
C MET A 74 0.53 0.01 15.31
N LYS A 75 0.71 -0.99 14.44
CA LYS A 75 -0.37 -1.84 14.00
C LYS A 75 -0.50 -2.98 15.00
N ILE A 76 -1.70 -3.12 15.54
CA ILE A 76 -2.03 -4.09 16.58
C ILE A 76 -3.07 -5.04 16.01
N LEU A 77 -2.75 -6.32 15.96
CA LEU A 77 -3.67 -7.32 15.43
C LEU A 77 -4.05 -8.28 16.55
N ASP A 78 -5.33 -8.52 16.69
CA ASP A 78 -5.83 -9.42 17.72
C ASP A 78 -5.72 -10.86 17.22
N LYS A 79 -4.90 -11.68 17.88
CA LYS A 79 -4.62 -13.02 17.34
C LYS A 79 -5.88 -13.85 17.15
N GLN A 80 -6.80 -13.82 18.12
CA GLN A 80 -8.02 -14.60 18.00
C GLN A 80 -8.86 -14.17 16.80
N LYS A 81 -8.93 -12.87 16.55
CA LYS A 81 -9.72 -12.39 15.41
C LYS A 81 -9.04 -12.70 14.09
N VAL A 82 -7.71 -12.67 14.07
CA VAL A 82 -6.98 -13.05 12.86
C VAL A 82 -7.30 -14.47 12.48
N VAL A 83 -7.28 -15.36 13.47
CA VAL A 83 -7.61 -16.75 13.23
C VAL A 83 -9.04 -16.87 12.71
N LYS A 84 -9.99 -16.21 13.39
CA LYS A 84 -11.40 -16.35 13.02
C LYS A 84 -11.66 -15.86 11.60
N LEU A 85 -11.02 -14.78 11.19
CA LEU A 85 -11.25 -14.22 9.86
C LEU A 85 -10.27 -14.73 8.83
N LYS A 86 -9.54 -15.82 9.15
CA LYS A 86 -8.74 -16.58 8.20
C LYS A 86 -7.59 -15.74 7.64
N GLN A 87 -7.01 -14.93 8.50
CA GLN A 87 -5.91 -14.06 8.12
C GLN A 87 -4.54 -14.52 8.62
N ILE A 88 -4.38 -15.77 9.07
CA ILE A 88 -3.10 -16.15 9.68
C ILE A 88 -1.96 -15.98 8.70
N GLU A 89 -2.06 -16.63 7.55
CA GLU A 89 -0.97 -16.58 6.60
C GLU A 89 -0.74 -15.15 6.10
N HIS A 90 -1.82 -14.39 5.91
CA HIS A 90 -1.68 -12.99 5.50
C HIS A 90 -0.91 -12.16 6.51
N THR A 91 -1.18 -12.34 7.81
CA THR A 91 -0.43 -11.58 8.81
C THR A 91 1.02 -12.00 8.85
N LEU A 92 1.30 -13.30 8.68
CA LEU A 92 2.70 -13.75 8.62
C LEU A 92 3.39 -13.21 7.37
N ASN A 93 2.71 -13.21 6.22
CA ASN A 93 3.23 -12.57 5.01
C ASN A 93 3.59 -11.12 5.28
N GLU A 94 2.65 -10.39 5.86
CA GLU A 94 2.82 -8.94 6.04
C GLU A 94 4.08 -8.64 6.82
N LYS A 95 4.26 -9.31 7.96
CA LYS A 95 5.44 -9.00 8.77
C LYS A 95 6.73 -9.50 8.11
N ARG A 96 6.71 -10.68 7.52
CA ARG A 96 7.93 -11.22 6.92
C ARG A 96 8.39 -10.37 5.73
N ILE A 97 7.43 -9.90 4.93
CA ILE A 97 7.76 -9.03 3.81
C ILE A 97 8.25 -7.67 4.31
N LEU A 98 7.51 -7.05 5.25
CA LEU A 98 7.87 -5.70 5.65
C LEU A 98 9.25 -5.64 6.27
N GLN A 99 9.62 -6.67 7.05
CA GLN A 99 10.94 -6.63 7.67
C GLN A 99 12.06 -6.85 6.66
N ALA A 100 11.73 -7.27 5.43
CA ALA A 100 12.71 -7.57 4.41
C ALA A 100 12.82 -6.55 3.28
N VAL A 101 11.88 -5.63 3.11
CA VAL A 101 11.89 -4.67 2.02
C VAL A 101 12.52 -3.34 2.44
N ASN A 102 12.91 -2.57 1.42
CA ASN A 102 13.62 -1.31 1.58
C ASN A 102 13.46 -0.55 0.27
N PHE A 103 12.65 0.51 0.28
CA PHE A 103 12.46 1.31 -0.93
C PHE A 103 11.99 2.69 -0.48
N PRO A 104 12.29 3.75 -1.23
CA PRO A 104 12.00 5.10 -0.69
C PRO A 104 10.52 5.38 -0.46
N PHE A 105 9.62 4.68 -1.15
CA PHE A 105 8.20 4.95 -1.10
C PHE A 105 7.43 3.89 -0.34
N LEU A 106 8.11 3.06 0.46
CA LEU A 106 7.47 2.11 1.35
C LEU A 106 7.69 2.50 2.80
N VAL A 107 6.62 2.50 3.60
CA VAL A 107 6.76 2.76 5.03
C VAL A 107 7.63 1.66 5.60
N LYS A 108 8.56 2.06 6.46
N LYS A 108 8.53 2.06 6.49
CA LYS A 108 9.49 1.14 7.10
CA LYS A 108 9.49 1.14 7.09
C LYS A 108 8.89 0.54 8.37
C LYS A 108 8.94 0.55 8.37
N LEU A 109 9.12 -0.76 8.52
CA LEU A 109 8.89 -1.44 9.78
C LEU A 109 10.10 -1.26 10.67
N GLU A 110 9.89 -0.67 11.84
CA GLU A 110 10.95 -0.39 12.80
C GLU A 110 11.08 -1.46 13.87
N PHE A 111 9.98 -2.01 14.36
CA PHE A 111 10.03 -3.09 15.35
C PHE A 111 8.85 -4.02 15.11
N SER A 112 8.99 -5.23 15.63
CA SER A 112 7.82 -6.10 15.73
C SER A 112 7.96 -6.96 16.99
N PHE A 113 6.82 -7.42 17.49
CA PHE A 113 6.77 -8.30 18.66
C PHE A 113 5.35 -8.83 18.79
N LYS A 114 5.17 -9.74 19.73
CA LYS A 114 3.87 -10.30 20.03
C LYS A 114 3.76 -10.49 21.54
N ASP A 115 2.54 -10.65 22.03
CA ASP A 115 2.29 -10.98 23.43
C ASP A 115 1.18 -12.00 23.49
N ASN A 116 0.62 -12.20 24.69
CA ASN A 116 -0.35 -13.26 24.82
C ASN A 116 -1.53 -13.05 23.88
N SER A 117 -1.88 -11.80 23.57
CA SER A 117 -3.12 -11.52 22.83
C SER A 117 -2.91 -11.01 21.43
N ASN A 118 -1.87 -10.22 21.17
CA ASN A 118 -1.77 -9.41 19.97
C ASN A 118 -0.44 -9.63 19.25
N LEU A 119 -0.46 -9.32 17.96
CA LEU A 119 0.73 -9.10 17.15
C LEU A 119 0.92 -7.60 16.95
N TYR A 120 2.18 -7.15 16.97
CA TYR A 120 2.50 -5.73 16.83
C TYR A 120 3.53 -5.50 15.74
N MET A 121 3.22 -4.56 14.85
CA MET A 121 4.16 -4.06 13.85
C MET A 121 4.26 -2.56 14.05
N VAL A 122 5.44 -2.11 14.42
CA VAL A 122 5.68 -0.70 14.73
C VAL A 122 6.35 -0.10 13.51
N MET A 123 5.65 0.80 12.84
N MET A 123 5.62 0.75 12.78
CA MET A 123 6.04 1.38 11.57
CA MET A 123 5.99 1.36 11.53
C MET A 123 6.34 2.86 11.75
C MET A 123 6.34 2.83 11.75
N GLU A 124 7.03 3.42 10.78
CA GLU A 124 7.17 4.87 10.76
C GLU A 124 5.80 5.52 10.77
N TYR A 125 5.68 6.65 11.46
CA TYR A 125 4.46 7.45 11.42
C TYR A 125 4.64 8.56 10.40
N VAL A 126 3.72 8.65 9.45
CA VAL A 126 3.76 9.64 8.39
C VAL A 126 2.65 10.64 8.70
N PRO A 127 2.96 11.86 9.18
CA PRO A 127 1.91 12.71 9.74
C PRO A 127 1.03 13.38 8.73
N GLY A 128 1.37 13.32 7.44
CA GLY A 128 0.58 14.06 6.44
C GLY A 128 -0.76 13.44 6.12
N GLY A 129 -1.02 12.23 6.56
CA GLY A 129 -2.30 11.62 6.33
C GLY A 129 -2.39 10.84 5.05
N GLU A 130 -3.55 10.21 4.89
CA GLU A 130 -3.86 9.40 3.73
C GLU A 130 -4.15 10.26 2.51
N MET A 131 -3.69 9.78 1.35
CA MET A 131 -4.03 10.44 0.10
C MET A 131 -5.54 10.59 -0.03
N PHE A 132 -6.28 9.59 0.45
CA PHE A 132 -7.72 9.65 0.37
C PHE A 132 -8.30 10.95 0.91
N SER A 133 -7.85 11.38 2.10
N SER A 133 -7.85 11.40 2.08
CA SER A 133 -8.35 12.61 2.68
CA SER A 133 -8.42 12.62 2.65
C SER A 133 -8.10 13.80 1.76
C SER A 133 -8.09 13.83 1.79
N HIS A 134 -6.85 13.92 1.29
CA HIS A 134 -6.50 15.06 0.44
C HIS A 134 -7.24 15.04 -0.88
N LEU A 135 -7.40 13.87 -1.48
CA LEU A 135 -8.16 13.76 -2.72
C LEU A 135 -9.58 14.22 -2.52
N ARG A 136 -10.22 13.77 -1.44
N ARG A 136 -10.20 13.81 -1.42
CA ARG A 136 -11.60 14.15 -1.21
CA ARG A 136 -11.59 14.15 -1.16
C ARG A 136 -11.74 15.63 -0.87
C ARG A 136 -11.78 15.59 -0.74
N ARG A 137 -10.74 16.22 -0.19
CA ARG A 137 -10.80 17.64 0.14
C ARG A 137 -10.68 18.51 -1.11
N ILE A 138 -9.77 18.18 -2.02
CA ILE A 138 -9.60 19.00 -3.22
C ILE A 138 -10.54 18.62 -4.35
N GLY A 139 -11.04 17.40 -4.37
CA GLY A 139 -11.95 16.95 -5.39
C GLY A 139 -11.30 16.02 -6.36
N ARG A 140 -10.35 16.54 -7.13
CA ARG A 140 -9.55 15.71 -8.01
C ARG A 140 -8.18 16.35 -8.12
N PHE A 141 -7.20 15.53 -8.45
CA PHE A 141 -5.85 16.02 -8.69
C PHE A 141 -5.68 16.33 -10.18
N SEP A 142 -4.93 17.37 -10.49
CA SEP A 142 -4.54 17.65 -11.87
CB SEP A 142 -3.72 18.92 -11.96
OG SEP A 142 -2.41 18.72 -11.37
C SEP A 142 -3.71 16.47 -12.42
O SEP A 142 -3.18 15.65 -11.66
P SEP A 142 -1.52 20.03 -11.08
O1P SEP A 142 -2.40 20.89 -10.05
O2P SEP A 142 -0.22 19.54 -10.36
O3P SEP A 142 -1.32 20.85 -12.38
H SEP A 142 -4.63 17.95 -9.92
HA SEP A 142 -5.34 17.76 -12.43
HB2 SEP A 142 -4.18 19.62 -11.47
HB3 SEP A 142 -3.61 19.17 -12.89
N GLU A 143 -3.61 16.37 -13.75
CA GLU A 143 -2.80 15.28 -14.30
C GLU A 143 -1.34 15.29 -13.84
N PRO A 144 -0.68 16.46 -13.76
CA PRO A 144 0.70 16.43 -13.24
C PRO A 144 0.77 15.91 -11.80
N HIS A 145 -0.19 16.29 -10.97
CA HIS A 145 -0.23 15.87 -9.57
C HIS A 145 -0.46 14.36 -9.48
N ALA A 146 -1.46 13.86 -10.23
CA ALA A 146 -1.72 12.43 -10.27
C ALA A 146 -0.51 11.68 -10.81
N ARG A 147 0.16 12.25 -11.82
CA ARG A 147 1.31 11.61 -12.46
C ARG A 147 2.48 11.48 -11.49
N PHE A 148 2.71 12.52 -10.68
CA PHE A 148 3.78 12.48 -9.68
C PHE A 148 3.58 11.31 -8.73
N TYR A 149 2.34 11.14 -8.20
CA TYR A 149 2.08 9.98 -7.35
C TYR A 149 2.13 8.67 -8.12
N ALA A 150 1.54 8.64 -9.32
CA ALA A 150 1.55 7.40 -10.11
C ALA A 150 2.97 6.93 -10.39
N ALA A 151 3.89 7.86 -10.69
CA ALA A 151 5.26 7.46 -10.98
C ALA A 151 5.89 6.76 -9.79
N GLN A 152 5.60 7.23 -8.59
CA GLN A 152 6.14 6.57 -7.41
C GLN A 152 5.58 5.16 -7.28
N ILE A 153 4.29 4.97 -7.57
CA ILE A 153 3.72 3.63 -7.50
C ILE A 153 4.32 2.73 -8.57
N VAL A 154 4.55 3.25 -9.77
CA VAL A 154 5.18 2.45 -10.82
C VAL A 154 6.54 1.94 -10.38
N LEU A 155 7.38 2.84 -9.82
CA LEU A 155 8.69 2.42 -9.35
C LEU A 155 8.55 1.42 -8.19
N THR A 156 7.61 1.66 -7.30
CA THR A 156 7.44 0.75 -6.16
C THR A 156 7.03 -0.64 -6.61
N PHE A 157 6.11 -0.72 -7.59
CA PHE A 157 5.70 -2.01 -8.13
C PHE A 157 6.83 -2.66 -8.92
N GLU A 158 7.63 -1.86 -9.62
CA GLU A 158 8.80 -2.44 -10.31
C GLU A 158 9.69 -3.14 -9.30
N TYR A 159 9.96 -2.46 -8.17
CA TYR A 159 10.73 -3.02 -7.07
C TYR A 159 10.07 -4.29 -6.53
N LEU A 160 8.81 -4.18 -6.08
CA LEU A 160 8.17 -5.31 -5.42
C LEU A 160 8.05 -6.50 -6.36
N HIS A 161 7.61 -6.28 -7.61
CA HIS A 161 7.40 -7.41 -8.50
C HIS A 161 8.73 -8.09 -8.82
N SER A 162 9.82 -7.32 -8.83
CA SER A 162 11.11 -7.94 -9.11
C SER A 162 11.56 -8.88 -7.99
N LEU A 163 11.03 -8.70 -6.80
CA LEU A 163 11.25 -9.56 -5.64
C LEU A 163 10.24 -10.69 -5.56
N ASP A 164 9.44 -10.86 -6.61
CA ASP A 164 8.35 -11.84 -6.65
C ASP A 164 7.24 -11.53 -5.63
N LEU A 165 7.07 -10.26 -5.32
CA LEU A 165 6.01 -9.81 -4.40
C LEU A 165 4.86 -9.22 -5.18
N ILE A 166 3.63 -9.54 -4.76
CA ILE A 166 2.42 -8.89 -5.26
C ILE A 166 1.85 -8.11 -4.06
N TYR A 167 1.36 -6.90 -4.31
CA TYR A 167 0.95 -6.01 -3.22
C TYR A 167 -0.52 -6.20 -2.83
N ARG A 168 -1.45 -6.12 -3.80
CA ARG A 168 -2.84 -6.55 -3.67
C ARG A 168 -3.73 -5.66 -2.80
N ASP A 169 -3.31 -4.42 -2.46
CA ASP A 169 -4.25 -3.54 -1.78
C ASP A 169 -4.03 -2.08 -2.14
N LEU A 170 -3.72 -1.79 -3.39
CA LEU A 170 -3.55 -0.39 -3.78
C LEU A 170 -4.86 0.36 -3.74
N LYS A 171 -4.87 1.47 -3.01
CA LYS A 171 -6.02 2.38 -2.95
C LYS A 171 -5.58 3.62 -2.17
N PRO A 172 -6.31 4.75 -2.30
CA PRO A 172 -5.86 5.98 -1.65
C PRO A 172 -5.72 5.93 -0.15
N GLU A 173 -6.49 5.09 0.55
CA GLU A 173 -6.37 5.02 1.99
C GLU A 173 -5.07 4.37 2.44
N ASN A 174 -4.38 3.66 1.55
CA ASN A 174 -3.16 2.95 1.87
C ASN A 174 -1.93 3.67 1.35
N LEU A 175 -2.07 4.95 0.99
CA LEU A 175 -0.97 5.74 0.51
C LEU A 175 -0.92 6.98 1.38
N LEU A 176 0.16 7.17 2.11
CA LEU A 176 0.32 8.33 2.97
C LEU A 176 1.20 9.36 2.29
N ILE A 177 0.97 10.63 2.63
CA ILE A 177 1.73 11.75 2.09
C ILE A 177 2.71 12.23 3.15
N ASP A 178 4.00 12.20 2.83
CA ASP A 178 5.03 12.47 3.80
C ASP A 178 5.36 13.96 3.85
N GLN A 179 6.35 14.27 4.71
CA GLN A 179 6.69 15.63 5.02
C GLN A 179 7.19 16.40 3.80
N GLN A 180 7.68 15.69 2.78
N GLN A 180 7.66 15.72 2.77
CA GLN A 180 8.13 16.30 1.53
CA GLN A 180 8.07 16.38 1.53
C GLN A 180 7.05 16.24 0.43
C GLN A 180 7.07 16.19 0.40
N GLY A 181 5.88 15.68 0.71
CA GLY A 181 4.84 15.52 -0.29
C GLY A 181 4.91 14.25 -1.11
N TYR A 182 5.84 13.35 -0.79
CA TYR A 182 5.97 12.08 -1.48
C TYR A 182 5.09 10.99 -0.84
N ILE A 183 4.86 9.94 -1.60
CA ILE A 183 4.03 8.79 -1.20
C ILE A 183 4.82 7.87 -0.31
N GLN A 184 4.12 7.32 0.69
CA GLN A 184 4.58 6.19 1.49
C GLN A 184 3.47 5.13 1.47
N VAL A 185 3.76 3.97 0.91
CA VAL A 185 2.80 2.89 0.83
C VAL A 185 2.77 2.16 2.15
N THR A 186 1.59 1.89 2.64
N THR A 186 1.57 1.97 2.69
CA THR A 186 1.42 1.16 3.88
CA THR A 186 1.30 1.23 3.92
C THR A 186 0.33 0.12 3.66
C THR A 186 0.58 -0.07 3.59
N ASP A 187 0.12 -0.74 4.65
CA ASP A 187 -0.92 -1.78 4.52
C ASP A 187 -0.46 -2.93 3.62
N PHE A 188 0.50 -3.70 4.13
CA PHE A 188 0.97 -4.91 3.45
C PHE A 188 0.19 -6.17 3.86
N GLY A 189 -1.01 -6.01 4.41
CA GLY A 189 -1.77 -7.16 4.89
C GLY A 189 -2.14 -8.21 3.85
N PHE A 190 -2.21 -7.84 2.56
CA PHE A 190 -2.47 -8.77 1.49
C PHE A 190 -1.23 -9.04 0.63
N ALA A 191 -0.10 -8.46 0.98
CA ALA A 191 1.10 -8.68 0.15
C ALA A 191 1.58 -10.11 0.29
N LYS A 192 2.13 -10.66 -0.79
CA LYS A 192 2.53 -12.06 -0.78
C LYS A 192 3.71 -12.29 -1.73
N ARG A 193 4.62 -13.19 -1.35
CA ARG A 193 5.65 -13.64 -2.26
C ARG A 193 5.08 -14.79 -3.09
N VAL A 194 5.07 -14.61 -4.41
CA VAL A 194 4.36 -15.42 -5.39
C VAL A 194 5.29 -15.59 -6.58
N LYS A 195 5.64 -16.82 -6.90
CA LYS A 195 6.23 -17.15 -8.20
C LYS A 195 5.12 -17.80 -9.00
N GLY A 196 4.67 -17.13 -10.01
CA GLY A 196 3.59 -17.69 -10.81
C GLY A 196 2.28 -17.07 -10.40
N ARG A 197 1.35 -17.92 -10.00
N ARG A 197 1.34 -17.92 -10.00
CA ARG A 197 -0.01 -17.53 -9.70
CA ARG A 197 -0.02 -17.50 -9.72
C ARG A 197 -0.32 -17.67 -8.22
C ARG A 197 -0.39 -17.74 -8.26
N THR A 198 -1.38 -16.98 -7.80
CA THR A 198 -1.96 -17.15 -6.48
C THR A 198 -3.47 -17.05 -6.64
N TRP A 199 -4.21 -17.44 -5.60
CA TRP A 199 -5.65 -17.64 -5.76
C TRP A 199 -6.55 -16.97 -4.72
N TPO A 200 -6.02 -16.29 -3.70
CA TPO A 200 -6.92 -15.83 -2.64
CB TPO A 200 -6.11 -15.40 -1.38
CG2 TPO A 200 -7.04 -15.11 -0.21
OG1 TPO A 200 -5.22 -16.44 -1.01
P TPO A 200 -3.66 -16.15 -1.16
O1P TPO A 200 -2.93 -17.50 -0.88
O2P TPO A 200 -3.28 -15.08 -0.19
O3P TPO A 200 -3.42 -15.66 -2.63
C TPO A 200 -7.79 -14.66 -3.09
O TPO A 200 -7.30 -13.70 -3.66
H TPO A 200 -5.19 -16.10 -3.60
HA TPO A 200 -7.50 -16.57 -2.39
HB TPO A 200 -5.54 -14.51 -1.63
HG21 TPO A 200 -6.45 -14.82 0.66
HG22 TPO A 200 -7.61 -16.00 0.03
HG23 TPO A 200 -7.72 -14.29 -0.47
N LEU A 201 -9.08 -14.70 -2.71
CA LEU A 201 -9.96 -13.57 -2.91
C LEU A 201 -9.66 -12.54 -1.82
N CYS A 202 -9.04 -11.43 -2.21
CA CYS A 202 -8.73 -10.38 -1.26
C CYS A 202 -8.51 -9.10 -2.05
N GLY A 203 -8.54 -7.99 -1.34
CA GLY A 203 -8.44 -6.68 -1.93
C GLY A 203 -9.62 -5.88 -1.47
N THR A 204 -9.95 -4.84 -2.24
CA THR A 204 -11.07 -3.95 -1.99
C THR A 204 -11.92 -3.93 -3.26
N PRO A 205 -13.26 -4.06 -3.17
CA PRO A 205 -14.07 -4.27 -4.40
C PRO A 205 -13.77 -3.37 -5.59
N GLU A 206 -13.71 -2.05 -5.39
CA GLU A 206 -13.55 -1.12 -6.48
C GLU A 206 -12.24 -1.31 -7.23
N TYR A 207 -11.25 -1.97 -6.60
N TYR A 207 -11.25 -1.95 -6.59
CA TYR A 207 -9.91 -2.08 -7.13
CA TYR A 207 -9.90 -2.08 -7.13
C TYR A 207 -9.58 -3.47 -7.65
C TYR A 207 -9.58 -3.47 -7.66
N LEU A 208 -10.51 -4.43 -7.55
CA LEU A 208 -10.24 -5.81 -7.94
C LEU A 208 -10.17 -5.96 -9.46
N ALA A 209 -9.15 -6.66 -9.93
CA ALA A 209 -9.09 -7.01 -11.33
C ALA A 209 -10.13 -8.09 -11.65
N PRO A 210 -10.51 -8.18 -12.93
CA PRO A 210 -11.50 -9.20 -13.34
C PRO A 210 -11.09 -10.60 -12.93
N GLU A 211 -9.83 -10.95 -13.07
CA GLU A 211 -9.42 -12.32 -12.82
C GLU A 211 -9.50 -12.69 -11.33
N ILE A 212 -9.46 -11.70 -10.43
CA ILE A 212 -9.74 -11.99 -9.02
C ILE A 212 -11.22 -12.29 -8.83
N ILE A 213 -12.07 -11.46 -9.41
CA ILE A 213 -13.52 -11.62 -9.30
C ILE A 213 -13.93 -13.00 -9.81
N LEU A 214 -13.31 -13.44 -10.90
CA LEU A 214 -13.64 -14.71 -11.54
C LEU A 214 -12.91 -15.91 -10.96
N SER A 215 -12.20 -15.75 -9.84
CA SER A 215 -11.64 -16.89 -9.10
C SER A 215 -10.58 -17.63 -9.92
N LYS A 216 -9.85 -16.89 -10.73
CA LYS A 216 -8.77 -17.47 -11.49
C LYS A 216 -7.49 -17.43 -10.68
N GLY A 217 -6.51 -18.21 -11.13
CA GLY A 217 -5.15 -18.04 -10.69
C GLY A 217 -4.61 -16.77 -11.30
N TYR A 218 -4.16 -15.84 -10.49
CA TYR A 218 -3.75 -14.52 -10.95
C TYR A 218 -2.33 -14.17 -10.51
N ASN A 219 -1.80 -13.10 -11.09
CA ASN A 219 -0.38 -12.74 -10.91
C ASN A 219 -0.29 -11.23 -10.71
N LYS A 220 0.94 -10.70 -10.85
CA LYS A 220 1.23 -9.30 -10.61
C LYS A 220 0.38 -8.37 -11.48
N ALA A 221 -0.19 -8.87 -12.58
CA ALA A 221 -1.06 -8.04 -13.40
C ALA A 221 -2.17 -7.39 -12.62
N VAL A 222 -2.59 -8.01 -11.50
CA VAL A 222 -3.67 -7.39 -10.71
C VAL A 222 -3.24 -6.07 -10.11
N ASP A 223 -1.96 -5.92 -9.78
CA ASP A 223 -1.45 -4.66 -9.24
C ASP A 223 -1.48 -3.56 -10.33
N TRP A 224 -1.15 -3.93 -11.58
CA TRP A 224 -1.20 -2.96 -12.67
C TRP A 224 -2.64 -2.53 -12.97
N TRP A 225 -3.60 -3.47 -12.91
CA TRP A 225 -5.01 -3.10 -13.02
C TRP A 225 -5.37 -2.10 -11.93
N ALA A 226 -5.00 -2.41 -10.68
CA ALA A 226 -5.28 -1.51 -9.58
C ALA A 226 -4.66 -0.13 -9.77
N LEU A 227 -3.47 -0.07 -10.37
CA LEU A 227 -2.89 1.22 -10.68
C LEU A 227 -3.78 2.01 -11.66
N GLY A 228 -4.33 1.33 -12.67
CA GLY A 228 -5.28 2.01 -13.53
C GLY A 228 -6.45 2.59 -12.77
N VAL A 229 -7.02 1.81 -11.84
CA VAL A 229 -8.12 2.30 -11.02
C VAL A 229 -7.69 3.52 -10.23
N LEU A 230 -6.51 3.43 -9.59
CA LEU A 230 -6.00 4.54 -8.78
C LEU A 230 -5.80 5.81 -9.63
N ILE A 231 -5.16 5.67 -10.78
CA ILE A 231 -4.92 6.86 -11.61
C ILE A 231 -6.24 7.48 -12.04
N TYR A 232 -7.19 6.65 -12.47
CA TYR A 232 -8.51 7.18 -12.83
C TYR A 232 -9.11 7.93 -11.64
N GLU A 233 -9.07 7.32 -10.46
CA GLU A 233 -9.69 7.93 -9.29
C GLU A 233 -8.99 9.25 -8.92
N MET A 234 -7.65 9.28 -8.98
CA MET A 234 -6.94 10.50 -8.68
C MET A 234 -7.33 11.62 -9.64
N ALA A 235 -7.44 11.29 -10.93
CA ALA A 235 -7.68 12.32 -11.94
C ALA A 235 -9.14 12.73 -12.07
N ALA A 236 -10.07 11.82 -11.78
CA ALA A 236 -11.50 12.11 -11.88
C ALA A 236 -12.12 12.53 -10.55
N GLY A 237 -11.59 12.03 -9.44
CA GLY A 237 -12.16 12.23 -8.13
C GLY A 237 -13.01 11.08 -7.64
N TYR A 238 -13.25 10.08 -8.50
CA TYR A 238 -14.07 8.91 -8.18
C TYR A 238 -13.52 7.75 -9.00
N PRO A 239 -13.71 6.52 -8.53
CA PRO A 239 -13.15 5.38 -9.26
C PRO A 239 -13.99 5.03 -10.48
N PRO A 240 -13.42 4.27 -11.42
CA PRO A 240 -14.15 4.02 -12.67
C PRO A 240 -15.34 3.10 -12.51
N PHE A 241 -15.31 2.18 -11.55
CA PHE A 241 -16.38 1.17 -11.37
C PHE A 241 -16.93 1.37 -9.96
N PHE A 242 -18.19 1.78 -9.86
CA PHE A 242 -18.77 2.05 -8.56
C PHE A 242 -20.25 1.72 -8.63
N ALA A 243 -20.79 1.38 -7.48
CA ALA A 243 -22.18 1.00 -7.41
C ALA A 243 -22.51 0.81 -5.94
N ASP A 244 -23.80 0.67 -5.67
N ASP A 244 -23.80 0.70 -5.63
CA ASP A 244 -24.26 0.59 -4.29
CA ASP A 244 -24.16 0.60 -4.23
C ASP A 244 -23.91 -0.75 -3.64
C ASP A 244 -23.75 -0.74 -3.63
N GLN A 245 -23.76 -1.80 -4.43
CA GLN A 245 -23.41 -3.11 -3.92
C GLN A 245 -22.21 -3.69 -4.65
N PRO A 246 -21.39 -4.48 -3.95
CA PRO A 246 -20.23 -5.09 -4.62
C PRO A 246 -20.57 -5.86 -5.88
N ILE A 247 -21.66 -6.62 -5.91
CA ILE A 247 -21.93 -7.45 -7.09
C ILE A 247 -22.11 -6.58 -8.33
N GLN A 248 -22.73 -5.41 -8.15
CA GLN A 248 -22.90 -4.50 -9.28
C GLN A 248 -21.58 -3.89 -9.70
N ILE A 249 -20.67 -3.65 -8.76
CA ILE A 249 -19.33 -3.19 -9.12
C ILE A 249 -18.65 -4.26 -9.96
N TYR A 250 -18.75 -5.52 -9.52
CA TYR A 250 -18.06 -6.59 -10.20
C TYR A 250 -18.57 -6.78 -11.63
N GLU A 251 -19.88 -6.63 -11.84
CA GLU A 251 -20.42 -6.71 -13.20
C GLU A 251 -19.79 -5.65 -14.08
N LYS A 252 -19.62 -4.43 -13.56
CA LYS A 252 -19.01 -3.37 -14.35
C LYS A 252 -17.53 -3.68 -14.64
N ILE A 253 -16.80 -4.16 -13.65
CA ILE A 253 -15.38 -4.47 -13.83
C ILE A 253 -15.18 -5.50 -14.94
N VAL A 254 -15.98 -6.56 -14.92
CA VAL A 254 -15.73 -7.62 -15.88
C VAL A 254 -16.23 -7.29 -17.28
N SER A 255 -17.05 -6.23 -17.43
CA SER A 255 -17.71 -5.93 -18.71
C SER A 255 -16.77 -5.51 -19.84
N GLY A 256 -15.61 -4.94 -19.52
CA GLY A 256 -14.75 -4.41 -20.56
C GLY A 256 -15.10 -2.99 -20.98
N LYS A 257 -16.03 -2.34 -20.27
CA LYS A 257 -16.49 -0.97 -20.57
C LYS A 257 -16.06 -0.01 -19.47
N VAL A 258 -15.48 1.11 -19.86
CA VAL A 258 -15.15 2.18 -18.93
C VAL A 258 -15.37 3.49 -19.68
N ARG A 259 -15.90 4.49 -18.99
CA ARG A 259 -16.12 5.80 -19.58
C ARG A 259 -15.19 6.78 -18.90
N PHE A 260 -14.68 7.70 -19.66
CA PHE A 260 -13.71 8.65 -19.17
C PHE A 260 -14.29 10.05 -19.18
N PRO A 261 -14.00 10.87 -18.17
CA PRO A 261 -14.43 12.28 -18.24
C PRO A 261 -13.78 12.97 -19.42
N SER A 262 -14.51 13.92 -20.02
CA SER A 262 -13.98 14.65 -21.18
C SER A 262 -12.72 15.45 -20.84
N HIS A 263 -12.53 15.83 -19.57
CA HIS A 263 -11.34 16.59 -19.22
C HIS A 263 -10.09 15.75 -19.20
N PHE A 264 -10.18 14.43 -19.23
CA PHE A 264 -8.97 13.61 -19.32
C PHE A 264 -8.27 13.88 -20.64
N SER A 265 -6.93 13.94 -20.61
CA SER A 265 -6.15 14.03 -21.84
C SER A 265 -6.26 12.73 -22.63
N SER A 266 -6.02 12.83 -23.93
CA SER A 266 -5.98 11.64 -24.75
C SER A 266 -4.92 10.64 -24.26
N ASP A 267 -3.74 11.13 -23.88
CA ASP A 267 -2.70 10.24 -23.37
C ASP A 267 -3.15 9.52 -22.11
N LEU A 268 -3.86 10.21 -21.22
CA LEU A 268 -4.36 9.55 -20.01
C LEU A 268 -5.36 8.45 -20.35
N LYS A 269 -6.29 8.74 -21.26
CA LYS A 269 -7.25 7.72 -21.66
C LYS A 269 -6.56 6.52 -22.27
N ASP A 270 -5.55 6.74 -23.11
CA ASP A 270 -4.86 5.62 -23.72
C ASP A 270 -4.16 4.77 -22.68
N LEU A 271 -3.43 5.39 -21.75
CA LEU A 271 -2.77 4.62 -20.70
C LEU A 271 -3.79 3.80 -19.93
N LEU A 272 -4.91 4.44 -19.54
CA LEU A 272 -5.89 3.76 -18.73
C LEU A 272 -6.56 2.60 -19.47
N ARG A 273 -6.78 2.70 -20.79
CA ARG A 273 -7.37 1.57 -21.50
C ARG A 273 -6.41 0.38 -21.47
N ASN A 274 -5.12 0.63 -21.40
CA ASN A 274 -4.13 -0.43 -21.39
C ASN A 274 -3.87 -0.99 -19.99
N LEU A 275 -4.09 -0.21 -18.93
CA LEU A 275 -4.02 -0.75 -17.58
C LEU A 275 -5.33 -1.44 -17.19
N LEU A 276 -6.46 -0.85 -17.56
CA LEU A 276 -7.80 -1.40 -17.31
C LEU A 276 -8.24 -2.32 -18.42
N GLN A 277 -7.30 -3.12 -18.87
CA GLN A 277 -7.51 -4.12 -19.90
C GLN A 277 -8.00 -5.41 -19.23
N VAL A 278 -9.21 -5.84 -19.57
N VAL A 278 -9.21 -5.83 -19.56
CA VAL A 278 -9.79 -6.99 -18.89
CA VAL A 278 -9.80 -7.00 -18.91
C VAL A 278 -9.06 -8.29 -19.21
C VAL A 278 -8.98 -8.25 -19.18
N ASP A 279 -8.43 -8.38 -20.37
CA ASP A 279 -7.65 -9.56 -20.75
C ASP A 279 -6.25 -9.40 -20.14
N LEU A 280 -5.95 -10.17 -19.09
CA LEU A 280 -4.70 -9.96 -18.38
C LEU A 280 -3.50 -10.21 -19.28
N THR A 281 -3.67 -10.98 -20.36
CA THR A 281 -2.55 -11.27 -21.24
C THR A 281 -2.23 -10.11 -22.18
N LYS A 282 -3.06 -9.07 -22.15
CA LYS A 282 -2.86 -7.86 -22.96
C LYS A 282 -2.65 -6.62 -22.12
N ARG A 283 -2.60 -6.75 -20.81
CA ARG A 283 -2.55 -5.61 -19.90
C ARG A 283 -1.14 -5.08 -19.73
N PHE A 284 -0.99 -3.76 -19.85
CA PHE A 284 0.30 -3.14 -19.56
C PHE A 284 0.79 -3.54 -18.18
N GLY A 285 2.09 -3.80 -18.11
CA GLY A 285 2.75 -4.32 -16.95
C GLY A 285 2.89 -5.82 -16.96
N ASN A 286 2.15 -6.52 -17.83
CA ASN A 286 2.15 -7.97 -17.90
C ASN A 286 2.54 -8.46 -19.28
N LEU A 287 3.13 -7.61 -20.10
CA LEU A 287 3.56 -7.99 -21.44
C LEU A 287 5.06 -8.24 -21.44
N LYS A 288 5.60 -8.60 -22.60
CA LYS A 288 7.03 -8.94 -22.68
C LYS A 288 7.92 -7.78 -22.23
N ASN A 289 7.53 -6.54 -22.48
CA ASN A 289 8.38 -5.42 -22.05
C ASN A 289 8.12 -4.96 -20.63
N GLY A 290 7.25 -5.66 -19.91
CA GLY A 290 7.09 -5.42 -18.48
C GLY A 290 6.73 -3.99 -18.15
N VAL A 291 7.41 -3.46 -17.14
CA VAL A 291 7.09 -2.12 -16.66
C VAL A 291 7.41 -1.06 -17.70
N ASN A 292 8.27 -1.36 -18.66
CA ASN A 292 8.70 -0.30 -19.56
C ASN A 292 7.61 0.12 -20.52
N ASP A 293 6.58 -0.72 -20.76
CA ASP A 293 5.43 -0.24 -21.54
C ASP A 293 4.73 0.91 -20.81
N ILE A 294 4.77 0.90 -19.48
CA ILE A 294 4.19 1.98 -18.69
C ILE A 294 5.14 3.17 -18.63
N LYS A 295 6.42 2.92 -18.29
CA LYS A 295 7.36 4.01 -18.11
C LYS A 295 7.57 4.81 -19.39
N ASN A 296 7.48 4.16 -20.57
CA ASN A 296 7.67 4.78 -21.87
C ASN A 296 6.39 5.30 -22.48
N HIS A 297 5.26 5.17 -21.81
CA HIS A 297 4.03 5.69 -22.37
C HIS A 297 4.05 7.21 -22.44
N LYS A 298 3.39 7.77 -23.45
CA LYS A 298 3.33 9.21 -23.62
C LYS A 298 2.82 9.96 -22.39
N TRP A 299 1.90 9.38 -21.61
CA TRP A 299 1.43 10.12 -20.44
C TRP A 299 2.58 10.40 -19.46
N PHE A 300 3.61 9.55 -19.47
CA PHE A 300 4.76 9.74 -18.59
C PHE A 300 5.94 10.44 -19.28
N ALA A 301 5.73 11.09 -20.44
CA ALA A 301 6.86 11.67 -21.17
C ALA A 301 7.61 12.70 -20.36
N THR A 302 6.93 13.46 -19.51
CA THR A 302 7.57 14.51 -18.71
C THR A 302 8.22 13.98 -17.43
N THR A 303 8.08 12.69 -17.14
CA THR A 303 8.57 12.12 -15.90
C THR A 303 10.04 11.76 -15.99
N ASP A 304 10.81 12.28 -15.03
CA ASP A 304 12.23 11.96 -14.86
C ASP A 304 12.26 10.88 -13.78
N TRP A 305 12.27 9.61 -14.20
CA TRP A 305 12.16 8.48 -13.28
C TRP A 305 13.24 8.51 -12.21
N ILE A 306 14.49 8.81 -12.59
CA ILE A 306 15.58 8.84 -11.63
C ILE A 306 15.38 9.97 -10.63
N ALA A 307 14.95 11.15 -11.10
CA ALA A 307 14.74 12.26 -10.19
C ALA A 307 13.64 11.95 -9.19
N ILE A 308 12.59 11.25 -9.61
CA ILE A 308 11.52 10.86 -8.69
C ILE A 308 12.09 9.92 -7.63
N TYR A 309 12.83 8.91 -8.07
CA TYR A 309 13.43 7.95 -7.13
C TYR A 309 14.32 8.65 -6.11
N GLN A 310 15.15 9.60 -6.55
CA GLN A 310 16.04 10.37 -5.71
C GLN A 310 15.34 11.46 -4.91
N ARG A 311 14.02 11.62 -5.10
N ARG A 311 14.03 11.63 -5.08
CA ARG A 311 13.22 12.61 -4.38
CA ARG A 311 13.25 12.62 -4.33
C ARG A 311 13.72 14.04 -4.62
C ARG A 311 13.74 14.05 -4.62
N LYS A 312 14.11 14.32 -5.88
CA LYS A 312 14.61 15.63 -6.27
C LYS A 312 13.57 16.53 -6.93
N VAL A 313 12.37 16.01 -7.20
CA VAL A 313 11.28 16.75 -7.82
C VAL A 313 10.48 17.47 -6.74
N GLU A 314 10.14 18.73 -6.96
CA GLU A 314 9.26 19.44 -6.03
C GLU A 314 7.88 18.81 -6.08
N ALA A 315 7.32 18.55 -4.90
CA ALA A 315 6.04 17.88 -4.85
C ALA A 315 4.89 18.84 -5.14
N PRO A 316 3.76 18.32 -5.60
CA PRO A 316 2.57 19.16 -5.83
C PRO A 316 2.06 19.84 -4.58
N PHE A 317 2.05 19.17 -3.44
N PHE A 317 2.32 19.26 -3.41
CA PHE A 317 1.80 19.91 -2.22
CA PHE A 317 1.53 19.56 -2.21
C PHE A 317 2.42 19.20 -1.06
C PHE A 317 2.28 19.09 -0.96
N ILE A 318 2.56 19.98 -0.01
CA ILE A 318 3.14 19.60 1.26
C ILE A 318 1.99 19.58 2.26
N PRO A 319 1.72 18.48 2.90
CA PRO A 319 0.64 18.48 3.88
C PRO A 319 0.93 19.48 4.96
N LYS A 320 -0.15 20.01 5.54
CA LYS A 320 -0.03 20.98 6.63
C LYS A 320 -0.06 20.21 7.94
N PHE A 321 1.01 20.33 8.71
CA PHE A 321 1.07 19.70 10.01
C PHE A 321 2.13 20.41 10.82
N LYS A 322 2.05 20.27 12.15
CA LYS A 322 2.89 21.08 13.03
C LYS A 322 4.16 20.38 13.47
N GLY A 323 4.22 19.07 13.39
CA GLY A 323 5.36 18.34 13.88
C GLY A 323 5.11 16.85 13.78
N PRO A 324 6.10 16.05 14.20
CA PRO A 324 6.04 14.60 13.99
C PRO A 324 4.96 13.91 14.77
N GLY A 325 4.36 14.54 15.79
CA GLY A 325 3.26 14.00 16.56
C GLY A 325 1.90 14.54 16.21
N ASP A 326 1.80 15.38 15.20
N ASP A 326 1.81 15.40 15.20
CA ASP A 326 0.53 16.01 14.86
CA ASP A 326 0.55 16.00 14.79
C ASP A 326 -0.36 14.99 14.16
C ASP A 326 -0.34 14.94 14.17
N THR A 327 -1.60 14.89 14.63
CA THR A 327 -2.58 13.94 14.11
C THR A 327 -3.73 14.61 13.37
N SER A 328 -3.62 15.92 13.08
N SER A 328 -3.65 15.92 13.09
CA SER A 328 -4.71 16.67 12.48
CA SER A 328 -4.77 16.64 12.49
C SER A 328 -5.14 16.15 11.11
C SER A 328 -5.18 16.10 11.13
N ASN A 329 -4.26 15.44 10.41
CA ASN A 329 -4.60 14.90 9.09
C ASN A 329 -5.23 13.53 9.13
N PHE A 330 -5.44 12.97 10.32
CA PHE A 330 -6.13 11.70 10.53
C PHE A 330 -7.45 11.98 11.23
N ASP A 331 -8.33 10.99 11.24
N ASP A 331 -8.31 10.95 11.21
CA ASP A 331 -9.67 11.19 11.75
CA ASP A 331 -9.69 10.98 11.64
C ASP A 331 -9.86 10.46 13.08
C ASP A 331 -9.81 10.60 13.11
N ASP A 332 -11.03 10.68 13.66
CA ASP A 332 -11.28 10.37 15.07
C ASP A 332 -12.06 9.08 15.19
N TYR A 333 -11.55 8.21 16.06
CA TYR A 333 -12.13 6.91 16.32
C TYR A 333 -12.28 6.73 17.82
N GLU A 334 -13.25 5.90 18.23
CA GLU A 334 -13.37 5.55 19.65
C GLU A 334 -12.07 4.95 20.13
N GLU A 335 -11.61 5.41 21.27
CA GLU A 335 -10.35 4.96 21.84
C GLU A 335 -10.63 3.74 22.72
N GLU A 336 -10.17 2.55 22.28
CA GLU A 336 -10.36 1.30 23.01
C GLU A 336 -9.07 0.82 23.65
N GLU A 337 -9.20 -0.03 24.70
CA GLU A 337 -8.03 -0.55 25.41
C GLU A 337 -7.15 -1.43 24.52
N ILE A 338 -5.86 -1.53 24.89
CA ILE A 338 -4.95 -2.54 24.35
C ILE A 338 -4.79 -3.57 25.46
N ARG A 339 -5.71 -4.53 25.47
CA ARG A 339 -5.78 -5.52 26.53
C ARG A 339 -4.93 -6.74 26.17
N VAL A 340 -4.17 -7.22 27.15
CA VAL A 340 -3.34 -8.38 27.00
C VAL A 340 -3.78 -9.47 27.98
N SEP A 341 -4.18 -10.62 27.48
CA SEP A 341 -4.68 -11.69 28.33
CB SEP A 341 -5.23 -12.84 27.45
OG SEP A 341 -5.58 -13.95 28.24
C SEP A 341 -3.58 -12.20 29.23
O SEP A 341 -2.39 -12.13 28.93
P SEP A 341 -7.03 -13.94 28.93
O1P SEP A 341 -7.30 -15.46 29.27
O2P SEP A 341 -6.81 -13.10 30.26
O3P SEP A 341 -8.14 -13.32 27.96
H SEP A 341 -4.17 -10.81 26.64
HA SEP A 341 -5.40 -11.34 28.88
HB2 SEP A 341 -4.56 -13.10 26.81
HB3 SEP A 341 -6.03 -12.52 26.99
N ILE A 342 -3.98 -12.68 30.39
CA ILE A 342 -3.05 -13.36 31.27
C ILE A 342 -2.62 -14.73 30.72
N ASN A 343 -3.36 -15.25 29.74
CA ASN A 343 -3.04 -16.53 29.13
C ASN A 343 -2.69 -16.36 27.65
N GLU A 344 -1.70 -17.11 27.18
CA GLU A 344 -1.30 -17.05 25.79
C GLU A 344 -2.40 -17.60 24.88
N LYS A 345 -2.72 -16.84 23.83
CA LYS A 345 -3.66 -17.27 22.80
C LYS A 345 -2.96 -17.58 21.49
N CYS A 346 -3.38 -18.66 20.84
CA CYS A 346 -2.98 -18.93 19.46
C CYS A 346 -1.47 -18.96 19.30
N GLY A 347 -0.76 -19.51 20.30
CA GLY A 347 0.69 -19.50 20.26
C GLY A 347 1.22 -20.25 19.05
N LYS A 348 0.67 -21.43 18.79
CA LYS A 348 1.21 -22.25 17.72
C LYS A 348 1.05 -21.57 16.38
N GLU A 349 -0.13 -20.98 16.13
CA GLU A 349 -0.40 -20.37 14.84
C GLU A 349 0.62 -19.28 14.49
N PHE A 350 1.11 -18.55 15.49
CA PHE A 350 1.93 -17.37 15.25
C PHE A 350 3.39 -17.58 15.67
N THR A 351 3.81 -18.84 15.79
CA THR A 351 5.18 -19.16 16.22
C THR A 351 6.22 -18.37 15.44
N GLU A 352 6.09 -18.27 14.11
CA GLU A 352 7.12 -17.61 13.32
C GLU A 352 7.11 -16.08 13.44
N PHE A 353 6.05 -15.48 13.97
CA PHE A 353 5.98 -14.03 14.02
C PHE A 353 7.02 -13.44 14.98
C1 MPD B . 15.09 4.44 -10.18
C2 MPD B . 15.54 2.98 -10.33
O2 MPD B . 15.43 2.74 -11.76
CM MPD B . 17.03 2.79 -10.05
C3 MPD B . 14.71 2.04 -9.44
C4 MPD B . 13.65 1.25 -10.20
O4 MPD B . 14.35 0.31 -10.99
C5 MPD B . 12.64 0.53 -9.29
H11 MPD B . 14.27 4.50 -9.47
H12 MPD B . 14.76 4.82 -11.15
H13 MPD B . 15.93 5.04 -9.82
HO2 MPD B . 14.82 1.99 -11.92
HM1 MPD B . 17.16 2.02 -9.28
HM2 MPD B . 17.46 3.73 -9.70
HM3 MPD B . 17.54 2.48 -10.97
H31 MPD B . 15.37 1.34 -8.94
H32 MPD B . 14.21 2.62 -8.67
H4 MPD B . 13.11 1.93 -10.84
HO4 MPD B . 13.88 0.19 -11.84
H51 MPD B . 12.70 -0.54 -9.47
H52 MPD B . 12.87 0.75 -8.26
H53 MPD B . 11.64 0.89 -9.52
C1 MPD C . 5.66 -17.42 3.73
C2 MPD C . 5.39 -17.01 5.19
O2 MPD C . 6.58 -17.30 5.97
CM MPD C . 5.16 -15.52 5.30
C3 MPD C . 4.12 -17.67 5.76
C4 MPD C . 4.16 -19.18 5.95
O4 MPD C . 5.07 -19.50 6.98
C5 MPD C . 2.75 -19.67 6.37
H11 MPD C . 4.88 -18.11 3.40
H12 MPD C . 5.66 -16.54 3.10
H13 MPD C . 6.64 -17.91 3.68
HO2 MPD C . 6.34 -17.88 6.72
HM1 MPD C . 4.19 -15.33 5.76
HM2 MPD C . 5.94 -15.08 5.94
HM3 MPD C . 5.20 -15.06 4.32
H31 MPD C . 3.29 -17.43 5.09
H32 MPD C . 3.90 -17.20 6.72
H4 MPD C . 4.43 -19.66 5.02
HO4 MPD C . 5.35 -20.44 6.89
H51 MPD C . 2.81 -20.14 7.35
H52 MPD C . 2.40 -20.39 5.64
H53 MPD C . 2.07 -18.82 6.42
OAC E5E D . 2.12 3.35 8.73
CAJ E5E D . 0.92 3.92 8.89
CAG E5E D . -0.26 3.28 8.55
CAI E5E D . 0.88 5.23 9.41
OAB E5E D . 2.06 5.88 9.63
CAE E5E D . -0.35 5.85 9.59
CAF E5E D . -1.52 5.20 9.23
CAK E5E D . -1.49 3.91 8.68
CAL E5E D . -2.73 3.25 8.11
OAD E5E D . -3.85 3.40 8.98
CAH E5E D . -3.11 3.86 6.76
NAA E5E D . -4.15 3.07 6.06
HOAC E5E D . 2.20 2.56 9.32
HAG E5E D . -0.19 2.26 8.17
HOAB E5E D . 1.89 6.81 9.92
HAE E5E D . -0.42 6.85 10.01
HAF E5E D . -2.47 5.71 9.39
HAL E5E D . -2.57 2.17 8.00
HOAD E5E D . -4.08 2.51 9.38
HAH E5E D . -2.22 3.97 6.15
HAHA E5E D . -3.48 4.88 6.90
HNAA E5E D . -3.87 2.10 5.96
HNAB E5E D . -4.33 3.45 5.13
HNAC E5E D . -5.03 3.10 6.56
S DMS E . -2.71 8.89 -27.27
O DMS E . -1.64 8.54 -26.26
C1 DMS E . -3.05 10.65 -27.28
C2 DMS E . -1.93 8.65 -28.88
H11 DMS E . -3.73 10.86 -28.07
H12 DMS E . -2.16 11.19 -27.45
H13 DMS E . -3.47 10.94 -26.35
H21 DMS E . -1.05 9.22 -28.94
H22 DMS E . -2.60 8.96 -29.64
H23 DMS E . -1.70 7.62 -29.02
#